data_2E3E
#
_entry.id   2E3E
#
_entity_poly.entity_id   1
_entity_poly.type   'polypeptide(L)'
_entity_poly.pdbx_seq_one_letter_code
;ATCDLASFSSQWVTPNDSLCAAHCLVKGYRGGYCKNKICHCRDKF
;
_entity_poly.pdbx_strand_id   A
#
# COMPACT_ATOMS: atom_id res chain seq x y z
N ALA A 1 -7.75 11.75 -8.23
CA ALA A 1 -8.08 10.41 -7.70
C ALA A 1 -6.87 9.49 -7.76
N THR A 2 -5.69 10.03 -7.47
CA THR A 2 -4.47 9.25 -7.49
C THR A 2 -4.42 8.30 -6.30
N CYS A 3 -3.94 7.10 -6.52
CA CYS A 3 -3.83 6.11 -5.45
C CYS A 3 -2.57 6.34 -4.62
N ASP A 4 -2.24 7.60 -4.39
CA ASP A 4 -1.07 7.97 -3.61
C ASP A 4 -1.47 8.27 -2.17
N LEU A 5 -2.48 7.54 -1.71
CA LEU A 5 -2.99 7.71 -0.35
C LEU A 5 -3.35 6.34 0.23
N ALA A 6 -4.26 6.32 1.21
CA ALA A 6 -4.68 5.07 1.86
C ALA A 6 -3.48 4.36 2.48
N SER A 7 -2.60 5.14 3.07
CA SER A 7 -1.39 4.64 3.70
C SER A 7 -1.71 3.97 5.05
N PHE A 8 -2.46 2.87 4.99
CA PHE A 8 -2.85 2.12 6.17
C PHE A 8 -3.74 2.98 7.07
N SER A 9 -3.41 3.04 8.36
CA SER A 9 -4.20 3.82 9.30
C SER A 9 -3.67 5.24 9.45
N SER A 10 -3.10 5.81 8.39
CA SER A 10 -2.57 7.16 8.43
C SER A 10 -3.72 8.15 8.43
N GLN A 11 -4.61 8.01 7.44
CA GLN A 11 -5.78 8.87 7.31
C GLN A 11 -6.99 8.03 6.99
N TRP A 12 -6.88 6.74 7.28
CA TRP A 12 -7.96 5.79 7.04
C TRP A 12 -8.04 4.77 8.16
N VAL A 13 -9.25 4.33 8.44
CA VAL A 13 -9.51 3.34 9.49
C VAL A 13 -9.18 1.92 8.97
N THR A 14 -8.10 1.83 8.22
CA THR A 14 -7.65 0.56 7.65
C THR A 14 -7.26 -0.42 8.75
N PRO A 15 -7.83 -1.64 8.73
CA PRO A 15 -7.56 -2.66 9.74
C PRO A 15 -6.22 -3.38 9.54
N ASN A 16 -5.91 -3.74 8.30
CA ASN A 16 -4.67 -4.45 7.99
C ASN A 16 -4.40 -4.49 6.49
N ASP A 17 -5.46 -4.62 5.71
CA ASP A 17 -5.37 -4.67 4.26
C ASP A 17 -4.50 -3.55 3.75
N SER A 18 -3.48 -3.91 3.01
CA SER A 18 -2.53 -2.94 2.49
C SER A 18 -3.21 -1.90 1.60
N LEU A 19 -3.61 -2.32 0.40
CA LEU A 19 -4.25 -1.45 -0.59
C LEU A 19 -3.23 -0.47 -1.17
N CYS A 20 -2.42 0.08 -0.28
CA CYS A 20 -1.38 1.03 -0.62
C CYS A 20 -0.57 1.32 0.64
N ALA A 21 -0.22 0.27 1.37
CA ALA A 21 0.53 0.43 2.60
C ALA A 21 1.31 -0.81 2.99
N ALA A 22 0.70 -1.68 3.82
CA ALA A 22 1.33 -2.90 4.36
C ALA A 22 2.38 -3.54 3.43
N HIS A 23 2.01 -3.86 2.20
CA HIS A 23 2.95 -4.47 1.25
C HIS A 23 4.17 -3.58 1.03
N CYS A 24 3.91 -2.31 0.76
CA CYS A 24 4.96 -1.34 0.52
C CYS A 24 5.78 -1.07 1.78
N LEU A 25 5.11 -1.04 2.92
CA LEU A 25 5.74 -0.77 4.20
C LEU A 25 6.88 -1.74 4.49
N VAL A 26 6.75 -2.98 4.00
CA VAL A 26 7.78 -3.99 4.19
C VAL A 26 9.13 -3.47 3.69
N LYS A 27 9.13 -2.95 2.47
CA LYS A 27 10.33 -2.39 1.88
C LYS A 27 10.58 -0.99 2.44
N GLY A 28 9.49 -0.24 2.60
CA GLY A 28 9.57 1.10 3.13
C GLY A 28 9.03 2.13 2.17
N TYR A 29 7.95 1.80 1.50
CA TYR A 29 7.31 2.70 0.55
C TYR A 29 5.93 3.10 1.07
N ARG A 30 5.41 4.24 0.63
CA ARG A 30 4.09 4.70 1.10
C ARG A 30 3.29 5.44 0.03
N GLY A 31 3.36 4.97 -1.21
CA GLY A 31 2.60 5.61 -2.27
C GLY A 31 3.06 5.18 -3.66
N GLY A 32 2.12 4.97 -4.56
CA GLY A 32 2.46 4.55 -5.90
C GLY A 32 1.25 4.34 -6.78
N TYR A 33 1.49 4.23 -8.08
CA TYR A 33 0.43 4.01 -9.05
C TYR A 33 -0.25 2.66 -8.81
N CYS A 34 -1.57 2.69 -8.71
CA CYS A 34 -2.35 1.48 -8.44
C CYS A 34 -2.63 0.68 -9.71
N LYS A 35 -2.77 -0.63 -9.52
CA LYS A 35 -3.10 -1.54 -10.61
C LYS A 35 -4.15 -2.52 -10.10
N ASN A 36 -5.32 -2.50 -10.74
CA ASN A 36 -6.46 -3.35 -10.36
C ASN A 36 -7.07 -2.85 -9.05
N LYS A 37 -6.30 -2.88 -7.97
CA LYS A 37 -6.76 -2.41 -6.66
C LYS A 37 -5.58 -2.01 -5.79
N ILE A 38 -4.51 -2.81 -5.82
CA ILE A 38 -3.33 -2.53 -5.01
C ILE A 38 -2.44 -1.53 -5.71
N CYS A 39 -1.95 -0.55 -4.96
CA CYS A 39 -1.06 0.45 -5.52
C CYS A 39 0.37 -0.08 -5.49
N HIS A 40 1.07 0.10 -6.59
CA HIS A 40 2.45 -0.33 -6.66
C HIS A 40 3.32 0.86 -6.36
N CYS A 41 3.64 1.00 -5.09
CA CYS A 41 4.42 2.11 -4.57
C CYS A 41 5.69 2.35 -5.37
N ARG A 42 5.96 3.63 -5.61
CA ARG A 42 7.13 4.05 -6.36
C ARG A 42 7.82 5.19 -5.64
N ASP A 43 7.76 5.14 -4.32
CA ASP A 43 8.41 6.14 -3.48
C ASP A 43 8.62 5.60 -2.07
N LYS A 44 9.88 5.52 -1.68
CA LYS A 44 10.25 5.02 -0.38
C LYS A 44 10.44 6.16 0.61
N PHE A 45 10.12 5.91 1.86
CA PHE A 45 10.26 6.92 2.91
C PHE A 45 11.58 6.76 3.65
N ALA A 1 -12.78 5.37 -3.43
CA ALA A 1 -11.37 5.77 -3.59
C ALA A 1 -10.44 4.70 -3.02
N THR A 2 -9.39 4.39 -3.75
CA THR A 2 -8.42 3.39 -3.30
C THR A 2 -7.00 3.97 -3.36
N CYS A 3 -6.07 3.23 -3.99
CA CYS A 3 -4.67 3.66 -4.13
C CYS A 3 -3.94 3.67 -2.78
N ASP A 4 -4.64 3.26 -1.72
CA ASP A 4 -4.09 3.21 -0.36
C ASP A 4 -3.75 4.61 0.16
N LEU A 5 -3.81 4.78 1.47
CA LEU A 5 -3.49 6.04 2.10
C LEU A 5 -1.97 6.10 2.25
N ALA A 6 -1.38 4.90 2.26
CA ALA A 6 0.05 4.72 2.38
C ALA A 6 0.51 5.12 3.77
N SER A 7 -0.24 4.67 4.77
CA SER A 7 0.06 4.97 6.15
C SER A 7 0.18 3.69 6.97
N PHE A 8 1.14 3.65 7.89
CA PHE A 8 1.33 2.48 8.73
C PHE A 8 0.20 2.41 9.75
N SER A 9 0.08 3.50 10.49
CA SER A 9 -0.93 3.65 11.54
C SER A 9 -0.89 5.06 12.08
N SER A 10 -0.88 6.03 11.18
CA SER A 10 -0.81 7.44 11.54
C SER A 10 -2.03 7.87 12.37
N GLN A 11 -3.21 7.61 11.83
CA GLN A 11 -4.45 7.98 12.52
C GLN A 11 -4.90 6.87 13.46
N TRP A 12 -4.72 5.65 13.00
CA TRP A 12 -5.12 4.48 13.76
C TRP A 12 -4.44 3.22 13.23
N VAL A 13 -4.19 2.28 14.12
CA VAL A 13 -3.54 1.02 13.75
C VAL A 13 -4.55 0.11 13.06
N THR A 14 -4.79 0.37 11.79
CA THR A 14 -5.74 -0.41 11.02
C THR A 14 -5.16 -1.77 10.60
N PRO A 15 -5.87 -2.86 10.93
CA PRO A 15 -5.43 -4.20 10.56
C PRO A 15 -5.50 -4.36 9.04
N ASN A 16 -6.50 -3.71 8.47
CA ASN A 16 -6.71 -3.71 7.02
C ASN A 16 -6.38 -2.31 6.50
N ASP A 17 -7.07 -1.87 5.43
CA ASP A 17 -6.88 -0.54 4.84
C ASP A 17 -5.52 -0.42 4.14
N SER A 18 -4.45 -0.46 4.92
CA SER A 18 -3.08 -0.39 4.39
C SER A 18 -2.66 -1.73 3.80
N LEU A 19 -3.45 -2.21 2.84
CA LEU A 19 -3.21 -3.49 2.18
C LEU A 19 -1.83 -3.56 1.56
N CYS A 20 -1.47 -2.53 0.80
CA CYS A 20 -0.17 -2.49 0.16
C CYS A 20 0.82 -1.68 1.00
N ALA A 21 0.32 -0.63 1.65
CA ALA A 21 1.17 0.21 2.48
C ALA A 21 1.87 -0.62 3.56
N ALA A 22 1.10 -1.36 4.34
CA ALA A 22 1.65 -2.22 5.38
C ALA A 22 2.24 -3.49 4.78
N HIS A 23 3.06 -3.32 3.76
CA HIS A 23 3.70 -4.41 3.06
C HIS A 23 4.86 -3.85 2.24
N CYS A 24 4.56 -2.81 1.46
CA CYS A 24 5.55 -2.14 0.64
C CYS A 24 6.51 -1.33 1.52
N LEU A 25 5.93 -0.61 2.48
CA LEU A 25 6.70 0.22 3.40
C LEU A 25 7.65 -0.58 4.26
N VAL A 26 7.31 -1.84 4.51
CA VAL A 26 8.13 -2.72 5.34
C VAL A 26 9.56 -2.80 4.78
N LYS A 27 9.68 -3.02 3.49
CA LYS A 27 10.99 -3.07 2.85
C LYS A 27 11.52 -1.66 2.62
N GLY A 28 10.72 -0.83 1.97
CA GLY A 28 11.12 0.53 1.73
C GLY A 28 10.53 1.09 0.45
N TYR A 29 9.24 0.86 0.25
CA TYR A 29 8.56 1.36 -0.94
C TYR A 29 7.28 2.08 -0.51
N ARG A 30 7.02 3.25 -1.05
CA ARG A 30 5.83 4.00 -0.67
C ARG A 30 4.58 3.27 -1.16
N GLY A 31 4.70 2.60 -2.29
CA GLY A 31 3.59 1.85 -2.86
C GLY A 31 2.43 2.73 -3.26
N GLY A 32 1.22 2.23 -3.08
CA GLY A 32 0.04 2.97 -3.43
C GLY A 32 -0.15 3.08 -4.93
N TYR A 33 0.49 2.16 -5.65
CA TYR A 33 0.42 2.13 -7.10
C TYR A 33 -0.87 1.47 -7.57
N CYS A 34 -1.95 2.21 -7.58
CA CYS A 34 -3.22 1.68 -8.04
C CYS A 34 -3.23 1.59 -9.56
N LYS A 35 -2.97 0.40 -10.08
CA LYS A 35 -2.94 0.18 -11.51
C LYS A 35 -3.37 -1.25 -11.80
N ASN A 36 -4.32 -1.41 -12.71
CA ASN A 36 -4.86 -2.72 -13.06
C ASN A 36 -5.52 -3.33 -11.82
N LYS A 37 -6.14 -2.46 -11.02
CA LYS A 37 -6.83 -2.84 -9.77
C LYS A 37 -5.85 -3.31 -8.67
N ILE A 38 -4.67 -3.75 -9.06
CA ILE A 38 -3.68 -4.23 -8.11
C ILE A 38 -2.81 -3.09 -7.61
N CYS A 39 -2.68 -2.99 -6.29
CA CYS A 39 -1.85 -1.95 -5.70
C CYS A 39 -0.40 -2.39 -5.72
N HIS A 40 0.42 -1.71 -6.52
CA HIS A 40 1.83 -2.04 -6.63
C HIS A 40 2.65 -1.25 -5.62
N CYS A 41 3.89 -1.69 -5.39
CA CYS A 41 4.77 -1.01 -4.48
C CYS A 41 5.59 0.04 -5.22
N ARG A 42 6.87 -0.27 -5.46
CA ARG A 42 7.79 0.62 -6.17
C ARG A 42 8.01 1.93 -5.43
N ASP A 43 8.80 2.82 -6.04
CA ASP A 43 9.13 4.11 -5.43
C ASP A 43 9.83 3.89 -4.09
N LYS A 44 10.99 3.24 -4.19
CA LYS A 44 11.80 2.92 -3.02
C LYS A 44 12.30 4.17 -2.31
N PHE A 45 12.49 4.03 -1.01
CA PHE A 45 13.01 5.11 -0.17
C PHE A 45 14.53 5.09 -0.18
N ALA A 1 -7.42 5.24 -7.60
CA ALA A 1 -7.62 6.28 -6.56
C ALA A 1 -8.04 5.65 -5.24
N THR A 2 -7.33 6.01 -4.17
CA THR A 2 -7.60 5.49 -2.83
C THR A 2 -7.75 3.97 -2.81
N CYS A 3 -6.85 3.30 -3.51
CA CYS A 3 -6.87 1.84 -3.59
C CYS A 3 -6.17 1.28 -2.36
N ASP A 4 -5.15 1.99 -1.90
CA ASP A 4 -4.38 1.60 -0.73
C ASP A 4 -5.27 1.59 0.50
N LEU A 5 -5.21 0.51 1.24
CA LEU A 5 -6.00 0.36 2.45
C LEU A 5 -5.27 0.99 3.63
N ALA A 6 -3.97 1.24 3.43
CA ALA A 6 -3.12 1.84 4.44
C ALA A 6 -2.99 0.92 5.65
N SER A 7 -3.19 -0.37 5.41
CA SER A 7 -3.09 -1.37 6.46
C SER A 7 -1.64 -1.78 6.68
N PHE A 8 -0.77 -0.81 6.89
CA PHE A 8 0.64 -1.07 7.11
C PHE A 8 0.86 -1.71 8.47
N SER A 9 1.73 -2.72 8.51
CA SER A 9 2.04 -3.45 9.74
C SER A 9 0.85 -4.31 10.18
N SER A 10 1.13 -5.31 11.01
CA SER A 10 0.10 -6.22 11.50
C SER A 10 -0.79 -5.52 12.53
N GLN A 11 -1.74 -4.73 12.02
CA GLN A 11 -2.67 -4.00 12.85
C GLN A 11 -3.77 -4.95 13.34
N TRP A 12 -5.03 -4.57 13.15
CA TRP A 12 -6.13 -5.42 13.57
C TRP A 12 -6.89 -5.94 12.36
N VAL A 13 -7.19 -7.23 12.38
CA VAL A 13 -7.93 -7.90 11.31
C VAL A 13 -7.12 -7.96 10.02
N THR A 14 -6.99 -9.17 9.47
CA THR A 14 -6.25 -9.43 8.23
C THR A 14 -4.86 -8.80 8.24
N PRO A 15 -3.90 -9.46 8.92
CA PRO A 15 -2.53 -8.96 9.02
C PRO A 15 -1.77 -9.03 7.71
N ASN A 16 -2.11 -10.00 6.87
CA ASN A 16 -1.44 -10.16 5.58
C ASN A 16 -2.28 -9.55 4.46
N ASP A 17 -3.10 -8.58 4.81
CA ASP A 17 -3.93 -7.90 3.83
C ASP A 17 -3.61 -6.42 3.88
N SER A 18 -3.33 -5.84 2.72
CA SER A 18 -2.97 -4.44 2.63
C SER A 18 -3.04 -3.94 1.19
N LEU A 19 -2.86 -4.86 0.24
CA LEU A 19 -2.85 -4.56 -1.19
C LEU A 19 -1.51 -3.97 -1.60
N CYS A 20 -0.95 -3.14 -0.73
CA CYS A 20 0.34 -2.52 -0.98
C CYS A 20 0.95 -1.96 0.30
N ALA A 21 0.12 -1.40 1.17
CA ALA A 21 0.61 -0.80 2.42
C ALA A 21 1.56 -1.73 3.18
N ALA A 22 1.07 -2.88 3.64
CA ALA A 22 1.91 -3.84 4.36
C ALA A 22 2.77 -4.63 3.38
N HIS A 23 3.44 -3.90 2.50
CA HIS A 23 4.31 -4.48 1.49
C HIS A 23 5.29 -3.41 1.03
N CYS A 24 4.74 -2.24 0.74
CA CYS A 24 5.51 -1.10 0.31
C CYS A 24 6.29 -0.51 1.48
N LEU A 25 5.58 -0.19 2.55
CA LEU A 25 6.20 0.39 3.72
C LEU A 25 7.21 -0.55 4.37
N VAL A 26 6.84 -1.83 4.51
CA VAL A 26 7.73 -2.81 5.14
C VAL A 26 9.04 -2.96 4.34
N LYS A 27 8.96 -2.89 3.02
CA LYS A 27 10.15 -3.01 2.17
C LYS A 27 10.91 -1.70 2.10
N GLY A 28 10.24 -0.60 2.40
CA GLY A 28 10.87 0.70 2.38
C GLY A 28 10.58 1.49 1.11
N TYR A 29 9.36 1.40 0.62
CA TYR A 29 8.95 2.11 -0.57
C TYR A 29 7.84 3.11 -0.23
N ARG A 30 7.94 4.32 -0.76
CA ARG A 30 6.94 5.35 -0.50
C ARG A 30 5.78 5.21 -1.47
N GLY A 31 6.06 4.59 -2.61
CA GLY A 31 5.06 4.41 -3.64
C GLY A 31 3.87 3.58 -3.19
N GLY A 32 2.73 3.84 -3.82
CA GLY A 32 1.51 3.14 -3.52
C GLY A 32 0.41 3.56 -4.49
N TYR A 33 0.82 3.87 -5.72
CA TYR A 33 -0.10 4.30 -6.75
C TYR A 33 -0.90 3.13 -7.29
N CYS A 34 -2.13 3.39 -7.69
CA CYS A 34 -2.98 2.35 -8.23
C CYS A 34 -2.50 1.97 -9.63
N LYS A 35 -2.46 0.68 -9.92
CA LYS A 35 -2.03 0.19 -11.22
C LYS A 35 -2.89 -1.01 -11.57
N ASN A 36 -3.66 -0.88 -12.64
CA ASN A 36 -4.58 -1.92 -13.10
C ASN A 36 -5.82 -1.95 -12.19
N LYS A 37 -5.57 -2.01 -10.89
CA LYS A 37 -6.63 -2.04 -9.89
C LYS A 37 -6.02 -1.91 -8.49
N ILE A 38 -4.99 -2.71 -8.25
CA ILE A 38 -4.30 -2.72 -6.96
C ILE A 38 -3.15 -1.72 -6.95
N CYS A 39 -2.92 -1.12 -5.81
CA CYS A 39 -1.85 -0.15 -5.65
C CYS A 39 -0.49 -0.86 -5.64
N HIS A 40 0.51 -0.21 -6.23
CA HIS A 40 1.85 -0.77 -6.30
C HIS A 40 2.86 0.20 -5.73
N CYS A 41 3.92 -0.35 -5.15
CA CYS A 41 4.97 0.42 -4.50
C CYS A 41 5.76 1.30 -5.48
N ARG A 42 7.03 0.94 -5.71
CA ARG A 42 7.94 1.68 -6.58
C ARG A 42 8.40 2.96 -5.89
N ASP A 43 9.66 3.35 -6.12
CA ASP A 43 10.26 4.53 -5.52
C ASP A 43 10.41 4.37 -4.01
N LYS A 44 11.53 3.77 -3.62
CA LYS A 44 11.83 3.53 -2.22
C LYS A 44 12.20 4.84 -1.51
N PHE A 45 12.20 4.82 -0.18
CA PHE A 45 12.54 6.00 0.61
C PHE A 45 13.91 6.53 0.24
N ALA A 1 -8.56 11.89 -6.37
CA ALA A 1 -8.01 10.52 -6.49
C ALA A 1 -6.98 10.26 -5.40
N THR A 2 -7.13 9.14 -4.71
CA THR A 2 -6.22 8.76 -3.64
C THR A 2 -6.36 7.25 -3.39
N CYS A 3 -5.23 6.57 -3.28
CA CYS A 3 -5.25 5.13 -3.07
C CYS A 3 -4.07 4.68 -2.22
N ASP A 4 -3.72 5.48 -1.23
CA ASP A 4 -2.63 5.14 -0.33
C ASP A 4 -2.82 5.86 1.00
N LEU A 5 -2.66 5.12 2.08
CA LEU A 5 -2.85 5.65 3.42
C LEU A 5 -1.54 5.62 4.20
N ALA A 6 -0.71 4.62 3.86
CA ALA A 6 0.59 4.42 4.50
C ALA A 6 0.44 4.04 5.98
N SER A 7 -0.65 3.35 6.29
CA SER A 7 -0.89 2.89 7.65
C SER A 7 -0.51 1.42 7.76
N PHE A 8 0.49 1.12 8.58
CA PHE A 8 0.95 -0.25 8.73
C PHE A 8 -0.10 -1.12 9.40
N SER A 9 -0.65 -0.62 10.48
CA SER A 9 -1.66 -1.34 11.23
C SER A 9 -3.02 -1.31 10.52
N SER A 10 -3.51 -0.10 10.22
CA SER A 10 -4.81 0.06 9.57
C SER A 10 -5.92 -0.62 10.36
N GLN A 11 -5.94 -0.36 11.67
CA GLN A 11 -6.93 -0.95 12.57
C GLN A 11 -8.31 -0.32 12.41
N TRP A 12 -8.72 -0.08 11.17
CA TRP A 12 -10.02 0.52 10.90
C TRP A 12 -11.10 -0.55 10.86
N VAL A 13 -10.66 -1.73 10.44
CA VAL A 13 -11.53 -2.90 10.34
C VAL A 13 -10.70 -4.12 9.93
N THR A 14 -10.84 -5.19 10.70
CA THR A 14 -10.11 -6.44 10.44
C THR A 14 -8.63 -6.32 10.85
N PRO A 15 -8.13 -7.30 11.61
CA PRO A 15 -6.74 -7.32 12.09
C PRO A 15 -5.77 -7.92 11.07
N ASN A 16 -5.95 -7.54 9.81
CA ASN A 16 -5.09 -8.04 8.73
C ASN A 16 -5.41 -7.30 7.44
N ASP A 17 -5.35 -5.98 7.50
CA ASP A 17 -5.63 -5.15 6.33
C ASP A 17 -4.29 -4.72 5.73
N SER A 18 -4.17 -3.44 5.35
CA SER A 18 -2.94 -2.91 4.77
C SER A 18 -2.47 -3.77 3.59
N LEU A 19 -3.37 -4.03 2.65
CA LEU A 19 -3.04 -4.84 1.48
C LEU A 19 -1.89 -4.23 0.67
N CYS A 20 -1.77 -2.91 0.72
CA CYS A 20 -0.69 -2.22 0.01
C CYS A 20 0.32 -1.65 0.99
N ALA A 21 -0.19 -1.01 2.04
CA ALA A 21 0.65 -0.39 3.05
C ALA A 21 1.63 -1.37 3.69
N ALA A 22 1.13 -2.51 4.16
CA ALA A 22 1.99 -3.50 4.79
C ALA A 22 3.11 -3.97 3.86
N HIS A 23 2.77 -4.11 2.58
CA HIS A 23 3.74 -4.56 1.59
C HIS A 23 4.79 -3.50 1.30
N CYS A 24 4.34 -2.27 1.14
CA CYS A 24 5.24 -1.16 0.83
C CYS A 24 6.07 -0.71 2.03
N LEU A 25 5.42 -0.51 3.17
CA LEU A 25 6.09 -0.05 4.38
C LEU A 25 7.15 -1.02 4.87
N VAL A 26 6.92 -2.32 4.71
CA VAL A 26 7.89 -3.31 5.16
C VAL A 26 9.18 -3.24 4.34
N LYS A 27 9.06 -2.90 3.06
CA LYS A 27 10.23 -2.80 2.19
C LYS A 27 10.87 -1.41 2.33
N GLY A 28 10.08 -0.38 2.07
CA GLY A 28 10.59 0.98 2.16
C GLY A 28 9.88 1.92 1.19
N TYR A 29 8.57 1.73 1.08
CA TYR A 29 7.75 2.55 0.20
C TYR A 29 6.60 3.17 0.97
N ARG A 30 6.25 4.40 0.63
CA ARG A 30 5.16 5.10 1.29
C ARG A 30 3.86 4.94 0.50
N GLY A 31 3.94 5.07 -0.82
CA GLY A 31 2.77 4.94 -1.66
C GLY A 31 3.08 5.23 -3.11
N GLY A 32 3.10 4.17 -3.91
CA GLY A 32 3.40 4.32 -5.32
C GLY A 32 2.20 4.77 -6.14
N TYR A 33 1.70 3.87 -6.97
CA TYR A 33 0.58 4.18 -7.83
C TYR A 33 -0.36 2.98 -7.95
N CYS A 34 -1.65 3.22 -7.88
CA CYS A 34 -2.61 2.14 -7.99
C CYS A 34 -2.97 1.88 -9.45
N LYS A 35 -2.69 0.67 -9.91
CA LYS A 35 -2.99 0.27 -11.27
C LYS A 35 -4.41 -0.25 -11.32
N ASN A 36 -5.34 0.64 -11.67
CA ASN A 36 -6.78 0.33 -11.72
C ASN A 36 -7.34 0.26 -10.30
N LYS A 37 -6.58 -0.38 -9.40
CA LYS A 37 -6.97 -0.52 -8.01
C LYS A 37 -5.77 -0.96 -7.16
N ILE A 38 -5.03 -1.95 -7.65
CA ILE A 38 -3.87 -2.46 -6.92
C ILE A 38 -2.75 -1.41 -6.86
N CYS A 39 -2.44 -0.98 -5.65
CA CYS A 39 -1.42 0.03 -5.45
C CYS A 39 -0.01 -0.58 -5.50
N HIS A 40 0.71 -0.25 -6.57
CA HIS A 40 2.07 -0.72 -6.74
C HIS A 40 3.03 0.41 -6.36
N CYS A 41 3.80 0.20 -5.31
CA CYS A 41 4.71 1.21 -4.82
C CYS A 41 6.01 1.25 -5.61
N ARG A 42 6.51 2.45 -5.83
CA ARG A 42 7.74 2.67 -6.58
C ARG A 42 8.38 3.98 -6.11
N ASP A 43 8.11 4.28 -4.85
CA ASP A 43 8.62 5.48 -4.20
C ASP A 43 9.58 5.12 -3.09
N LYS A 44 9.55 5.89 -2.02
CA LYS A 44 10.43 5.68 -0.88
C LYS A 44 10.08 6.66 0.23
N PHE A 45 10.38 6.29 1.48
CA PHE A 45 10.12 7.17 2.61
C PHE A 45 10.99 8.42 2.51
N ALA A 1 -13.34 9.15 -7.56
CA ALA A 1 -13.01 8.21 -6.47
C ALA A 1 -12.01 7.16 -6.95
N THR A 2 -10.95 7.63 -7.61
CA THR A 2 -9.92 6.74 -8.12
C THR A 2 -9.05 6.19 -6.99
N CYS A 3 -8.79 4.89 -7.04
CA CYS A 3 -7.99 4.20 -6.03
C CYS A 3 -8.70 4.25 -4.68
N ASP A 4 -7.97 4.05 -3.60
CA ASP A 4 -8.56 4.07 -2.27
C ASP A 4 -7.70 4.89 -1.32
N LEU A 5 -8.34 5.84 -0.64
CA LEU A 5 -7.64 6.69 0.32
C LEU A 5 -7.23 5.89 1.55
N ALA A 6 -6.03 6.15 2.03
CA ALA A 6 -5.48 5.47 3.20
C ALA A 6 -5.42 3.97 2.97
N SER A 7 -4.76 3.58 1.88
CA SER A 7 -4.60 2.17 1.54
C SER A 7 -3.82 1.44 2.63
N PHE A 8 -2.87 2.14 3.22
CA PHE A 8 -2.06 1.59 4.30
C PHE A 8 -2.92 1.38 5.54
N SER A 9 -2.73 0.24 6.18
CA SER A 9 -3.46 -0.09 7.39
C SER A 9 -2.56 -0.85 8.34
N SER A 10 -2.34 -0.28 9.52
CA SER A 10 -1.49 -0.89 10.52
C SER A 10 -2.34 -1.64 11.55
N GLN A 11 -2.06 -2.93 11.72
CA GLN A 11 -2.80 -3.74 12.67
C GLN A 11 -2.17 -5.13 12.83
N TRP A 12 -0.85 -5.16 12.89
CA TRP A 12 -0.10 -6.42 13.04
C TRP A 12 -0.32 -7.32 11.83
N VAL A 13 -0.10 -6.75 10.65
CA VAL A 13 -0.25 -7.45 9.38
C VAL A 13 -1.72 -7.62 9.00
N THR A 14 -2.05 -7.21 7.79
CA THR A 14 -3.40 -7.30 7.27
C THR A 14 -3.86 -8.74 7.13
N PRO A 15 -5.15 -9.01 7.43
CA PRO A 15 -5.72 -10.36 7.35
C PRO A 15 -5.91 -10.82 5.92
N ASN A 16 -6.67 -10.06 5.14
CA ASN A 16 -6.95 -10.40 3.75
C ASN A 16 -5.69 -10.28 2.89
N ASP A 17 -5.18 -9.06 2.78
CA ASP A 17 -3.97 -8.79 1.99
C ASP A 17 -3.57 -7.34 2.16
N SER A 18 -2.28 -7.09 2.30
CA SER A 18 -1.78 -5.73 2.48
C SER A 18 -1.94 -4.89 1.22
N LEU A 19 -1.87 -5.58 0.06
CA LEU A 19 -1.99 -5.01 -1.30
C LEU A 19 -0.94 -3.93 -1.62
N CYS A 20 -0.64 -3.09 -0.65
CA CYS A 20 0.36 -2.04 -0.80
C CYS A 20 0.52 -1.27 0.50
N ALA A 21 0.66 -2.00 1.59
CA ALA A 21 0.80 -1.38 2.90
C ALA A 21 1.94 -2.03 3.68
N ALA A 22 1.72 -3.27 4.12
CA ALA A 22 2.71 -3.99 4.89
C ALA A 22 3.99 -4.21 4.10
N HIS A 23 3.87 -4.77 2.90
CA HIS A 23 5.03 -5.02 2.05
C HIS A 23 5.75 -3.74 1.68
N CYS A 24 5.00 -2.68 1.40
CA CYS A 24 5.59 -1.41 1.00
C CYS A 24 6.37 -0.75 2.15
N LEU A 25 5.67 -0.44 3.24
CA LEU A 25 6.28 0.25 4.38
C LEU A 25 7.36 -0.55 5.09
N VAL A 26 7.19 -1.86 5.26
CA VAL A 26 8.20 -2.67 5.95
C VAL A 26 9.55 -2.57 5.23
N LYS A 27 9.51 -2.59 3.91
CA LYS A 27 10.74 -2.48 3.13
C LYS A 27 11.26 -1.05 3.16
N GLY A 28 10.38 -0.08 2.88
CA GLY A 28 10.78 1.31 2.92
C GLY A 28 10.10 2.16 1.86
N TYR A 29 8.81 1.92 1.63
CA TYR A 29 8.06 2.67 0.64
C TYR A 29 6.70 3.04 1.19
N ARG A 30 6.31 4.30 1.07
CA ARG A 30 4.98 4.73 1.54
C ARG A 30 3.94 4.39 0.49
N GLY A 31 3.97 3.15 0.03
CA GLY A 31 3.06 2.70 -0.99
C GLY A 31 3.61 3.02 -2.36
N GLY A 32 2.78 3.53 -3.24
CA GLY A 32 3.24 3.87 -4.56
C GLY A 32 2.10 4.27 -5.47
N TYR A 33 2.29 4.05 -6.76
CA TYR A 33 1.28 4.38 -7.75
C TYR A 33 0.18 3.34 -7.76
N CYS A 34 -1.05 3.80 -7.99
CA CYS A 34 -2.19 2.92 -8.05
C CYS A 34 -2.79 2.93 -9.46
N LYS A 35 -2.89 1.75 -10.05
CA LYS A 35 -3.45 1.60 -11.39
C LYS A 35 -4.97 1.63 -11.33
N ASN A 36 -5.50 2.76 -10.85
CA ASN A 36 -6.95 2.96 -10.68
C ASN A 36 -7.45 2.21 -9.44
N LYS A 37 -6.84 1.06 -9.16
CA LYS A 37 -7.22 0.26 -8.01
C LYS A 37 -5.99 -0.46 -7.46
N ILE A 38 -5.34 -1.25 -8.29
CA ILE A 38 -4.16 -1.99 -7.88
C ILE A 38 -2.99 -1.05 -7.61
N CYS A 39 -2.49 -1.06 -6.39
CA CYS A 39 -1.38 -0.20 -6.00
C CYS A 39 -0.09 -1.00 -5.93
N HIS A 40 1.02 -0.35 -6.26
CA HIS A 40 2.33 -1.00 -6.24
C HIS A 40 3.35 -0.13 -5.52
N CYS A 41 4.18 -0.74 -4.67
CA CYS A 41 5.20 -0.02 -3.93
C CYS A 41 6.19 0.64 -4.88
N ARG A 42 6.33 1.96 -4.78
CA ARG A 42 7.25 2.70 -5.64
C ARG A 42 7.46 4.11 -5.12
N ASP A 43 7.66 4.23 -3.81
CA ASP A 43 7.89 5.52 -3.19
C ASP A 43 8.76 5.35 -1.95
N LYS A 44 10.02 5.02 -2.18
CA LYS A 44 10.97 4.80 -1.11
C LYS A 44 11.24 6.09 -0.34
N PHE A 45 11.57 5.95 0.93
CA PHE A 45 11.86 7.10 1.77
C PHE A 45 13.01 6.77 2.73
N ALA A 1 -13.47 6.07 -6.38
CA ALA A 1 -12.28 6.95 -6.38
C ALA A 1 -11.22 6.42 -7.34
N THR A 2 -9.98 6.84 -7.15
CA THR A 2 -8.89 6.40 -8.01
C THR A 2 -8.47 4.97 -7.68
N CYS A 3 -8.24 4.70 -6.39
CA CYS A 3 -7.82 3.38 -5.96
C CYS A 3 -9.01 2.45 -5.81
N ASP A 4 -9.46 2.21 -4.58
CA ASP A 4 -10.59 1.32 -4.29
C ASP A 4 -10.25 -0.11 -4.68
N LEU A 5 -9.00 -0.49 -4.44
CA LEU A 5 -8.52 -1.83 -4.77
C LEU A 5 -9.02 -2.84 -3.76
N ALA A 6 -9.58 -3.93 -4.25
CA ALA A 6 -10.10 -4.99 -3.39
C ALA A 6 -8.99 -5.92 -2.93
N SER A 7 -7.91 -5.35 -2.42
CA SER A 7 -6.77 -6.11 -1.92
C SER A 7 -5.78 -5.19 -1.23
N PHE A 8 -6.22 -4.57 -0.14
CA PHE A 8 -5.36 -3.67 0.61
C PHE A 8 -5.69 -3.66 2.09
N SER A 9 -5.02 -2.80 2.83
CA SER A 9 -5.20 -2.65 4.27
C SER A 9 -4.79 -3.93 5.02
N SER A 10 -5.12 -4.00 6.30
CA SER A 10 -4.77 -5.15 7.11
C SER A 10 -5.68 -5.24 8.33
N GLN A 11 -5.99 -6.46 8.75
CA GLN A 11 -6.84 -6.68 9.91
C GLN A 11 -6.13 -6.20 11.16
N TRP A 12 -4.85 -6.48 11.23
CA TRP A 12 -4.01 -6.07 12.33
C TRP A 12 -3.57 -4.63 12.12
N VAL A 13 -2.97 -4.02 13.13
CA VAL A 13 -2.50 -2.65 13.04
C VAL A 13 -1.44 -2.53 11.95
N THR A 14 -1.64 -1.56 11.06
CA THR A 14 -0.72 -1.33 9.95
C THR A 14 0.56 -0.68 10.44
N PRO A 15 1.72 -1.10 9.89
CA PRO A 15 3.03 -0.56 10.27
C PRO A 15 3.09 0.96 10.12
N ASN A 16 2.44 1.46 9.08
CA ASN A 16 2.38 2.89 8.81
C ASN A 16 1.09 3.19 8.07
N ASP A 17 1.13 4.09 7.10
CA ASP A 17 -0.05 4.45 6.31
C ASP A 17 -0.32 3.38 5.26
N SER A 18 -0.42 2.14 5.71
CA SER A 18 -0.64 1.00 4.84
C SER A 18 -2.08 0.88 4.38
N LEU A 19 -2.66 2.00 3.91
CA LEU A 19 -4.01 1.99 3.40
C LEU A 19 -4.07 1.03 2.22
N CYS A 20 -2.97 1.01 1.48
CA CYS A 20 -2.80 0.13 0.34
C CYS A 20 -1.31 -0.04 0.08
N ALA A 21 -0.54 -0.11 1.16
CA ALA A 21 0.90 -0.26 1.04
C ALA A 21 1.49 -0.93 2.27
N ALA A 22 0.78 -1.93 2.78
CA ALA A 22 1.23 -2.66 3.95
C ALA A 22 2.59 -3.31 3.69
N HIS A 23 2.65 -4.17 2.69
CA HIS A 23 3.89 -4.86 2.33
C HIS A 23 4.95 -3.88 1.83
N CYS A 24 4.52 -2.82 1.17
CA CYS A 24 5.45 -1.82 0.64
C CYS A 24 6.17 -1.08 1.75
N LEU A 25 5.42 -0.60 2.74
CA LEU A 25 5.99 0.14 3.86
C LEU A 25 6.95 -0.73 4.65
N VAL A 26 6.63 -2.01 4.78
CA VAL A 26 7.48 -2.94 5.51
C VAL A 26 8.85 -3.04 4.82
N LYS A 27 8.83 -3.14 3.50
CA LYS A 27 10.05 -3.22 2.72
C LYS A 27 10.82 -1.90 2.76
N GLY A 28 10.14 -0.82 2.40
CA GLY A 28 10.76 0.49 2.41
C GLY A 28 10.18 1.42 1.37
N TYR A 29 8.88 1.34 1.17
CA TYR A 29 8.20 2.19 0.20
C TYR A 29 7.07 2.95 0.89
N ARG A 30 7.03 4.25 0.70
CA ARG A 30 5.99 5.06 1.30
C ARG A 30 4.66 4.83 0.58
N GLY A 31 4.74 4.67 -0.73
CA GLY A 31 3.55 4.42 -1.52
C GLY A 31 3.89 4.23 -2.98
N GLY A 32 2.91 4.45 -3.85
CA GLY A 32 3.12 4.29 -5.27
C GLY A 32 1.89 4.66 -6.06
N TYR A 33 1.48 3.76 -6.95
CA TYR A 33 0.30 3.99 -7.78
C TYR A 33 -0.64 2.79 -7.71
N CYS A 34 -1.89 3.06 -7.42
CA CYS A 34 -2.89 2.00 -7.31
C CYS A 34 -3.55 1.70 -8.65
N LYS A 35 -3.61 0.41 -8.98
CA LYS A 35 -4.23 -0.04 -10.21
C LYS A 35 -4.59 -1.52 -10.07
N ASN A 36 -5.73 -1.90 -10.65
CA ASN A 36 -6.22 -3.28 -10.57
C ASN A 36 -6.51 -3.66 -9.12
N LYS A 37 -5.74 -4.59 -8.57
CA LYS A 37 -5.96 -5.00 -7.18
C LYS A 37 -4.63 -5.12 -6.44
N ILE A 38 -3.64 -4.35 -6.89
CA ILE A 38 -2.33 -4.33 -6.25
C ILE A 38 -1.72 -2.94 -6.38
N CYS A 39 -1.51 -2.28 -5.25
CA CYS A 39 -0.92 -0.96 -5.26
C CYS A 39 0.58 -1.08 -5.46
N HIS A 40 1.01 -0.85 -6.68
CA HIS A 40 2.41 -0.95 -7.04
C HIS A 40 3.16 0.27 -6.52
N CYS A 41 3.92 0.06 -5.46
CA CYS A 41 4.68 1.13 -4.83
C CYS A 41 5.92 1.49 -5.63
N ARG A 42 6.24 2.77 -5.61
CA ARG A 42 7.40 3.33 -6.29
C ARG A 42 7.78 4.63 -5.60
N ASP A 43 8.13 4.50 -4.33
CA ASP A 43 8.49 5.64 -3.51
C ASP A 43 9.35 5.19 -2.34
N LYS A 44 10.58 4.82 -2.66
CA LYS A 44 11.53 4.35 -1.65
C LYS A 44 11.87 5.46 -0.67
N PHE A 45 12.10 5.08 0.58
CA PHE A 45 12.44 6.05 1.63
C PHE A 45 13.79 6.69 1.32
N ALA A 1 -10.72 -2.49 -8.45
CA ALA A 1 -9.64 -1.52 -8.14
C ALA A 1 -9.97 -0.78 -6.84
N THR A 2 -8.94 -0.51 -6.06
CA THR A 2 -9.10 0.18 -4.79
C THR A 2 -7.74 0.63 -4.25
N CYS A 3 -7.58 1.92 -4.03
CA CYS A 3 -6.33 2.46 -3.54
C CYS A 3 -6.56 3.59 -2.54
N ASP A 4 -5.53 4.38 -2.31
CA ASP A 4 -5.60 5.52 -1.39
C ASP A 4 -4.34 6.37 -1.58
N LEU A 5 -3.86 7.01 -0.52
CA LEU A 5 -2.66 7.82 -0.57
C LEU A 5 -1.67 7.30 0.46
N ALA A 6 -2.20 6.99 1.63
CA ALA A 6 -1.40 6.46 2.73
C ALA A 6 -2.31 5.99 3.85
N SER A 7 -2.39 4.68 4.04
CA SER A 7 -3.21 4.08 5.07
C SER A 7 -2.89 2.60 5.17
N PHE A 8 -2.63 2.12 6.38
CA PHE A 8 -2.31 0.72 6.60
C PHE A 8 -3.49 -0.17 6.27
N SER A 9 -4.65 0.23 6.76
CA SER A 9 -5.90 -0.49 6.57
C SER A 9 -5.71 -1.98 6.84
N SER A 10 -5.93 -2.80 5.83
CA SER A 10 -5.76 -4.25 5.93
C SER A 10 -6.74 -4.87 6.92
N GLN A 11 -6.83 -6.20 6.91
CA GLN A 11 -7.73 -6.94 7.78
C GLN A 11 -9.18 -6.57 7.49
N TRP A 12 -9.49 -6.45 6.21
CA TRP A 12 -10.83 -6.10 5.75
C TRP A 12 -10.97 -6.45 4.29
N VAL A 13 -11.99 -7.24 3.96
CA VAL A 13 -12.22 -7.69 2.59
C VAL A 13 -11.00 -8.49 2.12
N THR A 14 -10.94 -9.74 2.57
CA THR A 14 -9.83 -10.65 2.29
C THR A 14 -8.50 -10.05 2.74
N PRO A 15 -8.22 -10.18 4.05
CA PRO A 15 -6.99 -9.67 4.69
C PRO A 15 -5.74 -10.38 4.21
N ASN A 16 -5.30 -10.03 3.01
CA ASN A 16 -4.11 -10.64 2.42
C ASN A 16 -2.82 -10.02 2.97
N ASP A 17 -2.76 -9.89 4.30
CA ASP A 17 -1.59 -9.35 5.02
C ASP A 17 -1.45 -7.83 4.87
N SER A 18 -1.71 -7.30 3.67
CA SER A 18 -1.59 -5.88 3.43
C SER A 18 -2.32 -5.50 2.15
N LEU A 19 -3.44 -4.84 2.32
CA LEU A 19 -4.25 -4.39 1.19
C LEU A 19 -3.44 -3.46 0.29
N CYS A 20 -2.92 -2.39 0.90
CA CYS A 20 -2.11 -1.40 0.19
C CYS A 20 -1.24 -0.63 1.17
N ALA A 21 -0.39 -1.32 1.93
CA ALA A 21 0.46 -0.64 2.90
C ALA A 21 1.69 -1.44 3.33
N ALA A 22 1.50 -2.53 4.05
CA ALA A 22 2.63 -3.32 4.53
C ALA A 22 3.58 -3.74 3.41
N HIS A 23 3.02 -4.08 2.25
CA HIS A 23 3.84 -4.47 1.11
C HIS A 23 4.82 -3.35 0.78
N CYS A 24 4.33 -2.13 0.84
CA CYS A 24 5.14 -0.96 0.55
C CYS A 24 6.03 -0.55 1.73
N LEU A 25 5.39 -0.26 2.86
CA LEU A 25 6.07 0.21 4.06
C LEU A 25 7.18 -0.73 4.56
N VAL A 26 6.90 -2.02 4.62
CA VAL A 26 7.91 -2.98 5.10
C VAL A 26 9.14 -2.98 4.19
N LYS A 27 8.92 -2.96 2.89
CA LYS A 27 10.02 -2.95 1.93
C LYS A 27 10.81 -1.65 1.99
N GLY A 28 10.10 -0.53 2.01
CA GLY A 28 10.76 0.77 2.08
C GLY A 28 10.16 1.77 1.12
N TYR A 29 8.84 1.79 1.04
CA TYR A 29 8.13 2.71 0.16
C TYR A 29 6.83 3.15 0.82
N ARG A 30 6.48 4.42 0.74
CA ARG A 30 5.22 4.86 1.34
C ARG A 30 4.08 4.52 0.40
N GLY A 31 4.46 4.19 -0.82
CA GLY A 31 3.52 3.82 -1.85
C GLY A 31 4.18 3.79 -3.21
N GLY A 32 3.47 4.23 -4.22
CA GLY A 32 4.03 4.27 -5.56
C GLY A 32 3.04 4.83 -6.55
N TYR A 33 2.11 3.99 -6.98
CA TYR A 33 1.09 4.39 -7.92
C TYR A 33 -0.06 3.38 -7.89
N CYS A 34 -1.26 3.87 -8.11
CA CYS A 34 -2.43 3.02 -8.11
C CYS A 34 -2.66 2.42 -9.49
N LYS A 35 -2.86 1.12 -9.53
CA LYS A 35 -3.11 0.42 -10.78
C LYS A 35 -4.40 -0.38 -10.65
N ASN A 36 -5.09 -0.55 -11.77
CA ASN A 36 -6.37 -1.26 -11.80
C ASN A 36 -6.30 -2.62 -11.10
N LYS A 37 -5.18 -3.30 -11.25
CA LYS A 37 -5.00 -4.62 -10.64
C LYS A 37 -4.77 -4.50 -9.14
N ILE A 38 -3.85 -3.63 -8.73
CA ILE A 38 -3.52 -3.47 -7.32
C ILE A 38 -2.58 -2.30 -7.09
N CYS A 39 -2.50 -1.84 -5.84
CA CYS A 39 -1.60 -0.75 -5.47
C CYS A 39 -0.18 -1.21 -5.69
N HIS A 40 0.62 -0.44 -6.41
CA HIS A 40 1.99 -0.83 -6.67
C HIS A 40 2.99 0.12 -6.01
N CYS A 41 3.76 -0.43 -5.09
CA CYS A 41 4.78 0.33 -4.37
C CYS A 41 5.94 0.64 -5.30
N ARG A 42 6.35 1.89 -5.34
CA ARG A 42 7.45 2.32 -6.19
C ARG A 42 7.82 3.77 -5.88
N ASP A 43 7.93 4.07 -4.59
CA ASP A 43 8.27 5.42 -4.15
C ASP A 43 8.66 5.41 -2.68
N LYS A 44 9.92 5.72 -2.42
CA LYS A 44 10.46 5.75 -1.06
C LYS A 44 9.78 6.83 -0.22
N PHE A 45 9.72 6.61 1.09
CA PHE A 45 9.08 7.55 2.02
C PHE A 45 9.60 8.97 1.81
N ALA A 1 -10.72 1.58 -10.70
CA ALA A 1 -9.35 1.75 -10.15
C ALA A 1 -9.35 2.73 -8.99
N THR A 2 -8.66 2.37 -7.92
CA THR A 2 -8.56 3.20 -6.75
C THR A 2 -7.48 2.63 -5.82
N CYS A 3 -6.65 3.51 -5.26
CA CYS A 3 -5.57 3.06 -4.40
C CYS A 3 -5.38 4.01 -3.22
N ASP A 4 -4.12 4.21 -2.84
CA ASP A 4 -3.77 5.09 -1.73
C ASP A 4 -2.25 5.28 -1.75
N LEU A 5 -1.73 5.97 -0.74
CA LEU A 5 -0.30 6.20 -0.64
C LEU A 5 0.24 5.49 0.58
N ALA A 6 -0.48 5.65 1.68
CA ALA A 6 -0.10 5.01 2.92
C ALA A 6 -1.30 4.84 3.85
N SER A 7 -1.48 3.63 4.35
CA SER A 7 -2.57 3.32 5.24
C SER A 7 -2.27 1.99 5.95
N PHE A 8 -3.29 1.19 6.19
CA PHE A 8 -3.11 -0.10 6.83
C PHE A 8 -3.68 -1.20 5.97
N SER A 9 -4.90 -0.97 5.50
CA SER A 9 -5.64 -1.89 4.63
C SER A 9 -5.79 -3.29 5.25
N SER A 10 -6.42 -4.20 4.49
CA SER A 10 -6.65 -5.58 4.93
C SER A 10 -7.59 -5.63 6.14
N GLN A 11 -8.00 -6.86 6.51
CA GLN A 11 -8.92 -7.06 7.63
C GLN A 11 -10.20 -6.27 7.41
N TRP A 12 -10.56 -6.19 6.14
CA TRP A 12 -11.74 -5.50 5.65
C TRP A 12 -11.94 -5.97 4.22
N VAL A 13 -12.40 -7.22 4.12
CA VAL A 13 -12.57 -7.90 2.84
C VAL A 13 -11.21 -8.47 2.45
N THR A 14 -11.17 -9.78 2.20
CA THR A 14 -9.93 -10.49 1.87
C THR A 14 -8.89 -10.26 2.98
N PRO A 15 -8.98 -11.07 4.05
CA PRO A 15 -8.09 -10.97 5.23
C PRO A 15 -6.64 -11.37 4.95
N ASN A 16 -5.99 -10.64 4.06
CA ASN A 16 -4.60 -10.89 3.73
C ASN A 16 -3.70 -10.19 4.74
N ASP A 17 -2.52 -9.73 4.33
CA ASP A 17 -1.63 -9.05 5.26
C ASP A 17 -1.45 -7.57 4.91
N SER A 18 -1.61 -7.21 3.64
CA SER A 18 -1.47 -5.82 3.23
C SER A 18 -1.96 -5.60 1.81
N LEU A 19 -3.17 -5.07 1.69
CA LEU A 19 -3.74 -4.78 0.39
C LEU A 19 -3.01 -3.60 -0.24
N CYS A 20 -2.80 -2.56 0.55
CA CYS A 20 -2.12 -1.36 0.07
C CYS A 20 -1.40 -0.66 1.21
N ALA A 21 -0.46 -1.34 1.86
CA ALA A 21 0.27 -0.73 2.97
C ALA A 21 1.54 -1.47 3.36
N ALA A 22 1.41 -2.49 4.21
CA ALA A 22 2.57 -3.25 4.71
C ALA A 22 3.53 -3.67 3.61
N HIS A 23 3.02 -4.16 2.49
CA HIS A 23 3.88 -4.59 1.38
C HIS A 23 4.79 -3.43 0.96
N CYS A 24 4.22 -2.25 0.92
CA CYS A 24 4.95 -1.05 0.56
C CYS A 24 5.83 -0.58 1.73
N LEU A 25 5.21 -0.44 2.89
CA LEU A 25 5.89 0.03 4.10
C LEU A 25 7.11 -0.82 4.49
N VAL A 26 6.96 -2.13 4.46
CA VAL A 26 8.06 -3.03 4.82
C VAL A 26 9.25 -2.86 3.89
N LYS A 27 8.98 -2.71 2.60
CA LYS A 27 10.04 -2.54 1.62
C LYS A 27 10.57 -1.10 1.59
N GLY A 28 9.99 -0.25 2.42
CA GLY A 28 10.43 1.13 2.49
C GLY A 28 9.87 2.00 1.36
N TYR A 29 8.60 1.82 1.06
CA TYR A 29 7.93 2.61 0.01
C TYR A 29 6.59 3.11 0.50
N ARG A 30 6.34 4.40 0.36
CA ARG A 30 5.05 4.96 0.77
C ARG A 30 4.14 5.02 -0.46
N GLY A 31 3.92 3.85 -1.04
CA GLY A 31 3.10 3.73 -2.23
C GLY A 31 3.95 3.92 -3.48
N GLY A 32 3.35 4.43 -4.54
CA GLY A 32 4.09 4.66 -5.76
C GLY A 32 3.20 5.17 -6.87
N TYR A 33 2.29 4.32 -7.31
CA TYR A 33 1.35 4.68 -8.36
C TYR A 33 0.16 3.73 -8.34
N CYS A 34 -1.01 4.25 -8.66
CA CYS A 34 -2.22 3.46 -8.65
C CYS A 34 -2.39 2.71 -9.97
N LYS A 35 -2.77 1.45 -9.87
CA LYS A 35 -3.00 0.63 -11.04
C LYS A 35 -4.41 0.07 -10.98
N ASN A 36 -5.05 -0.08 -12.14
CA ASN A 36 -6.41 -0.59 -12.23
C ASN A 36 -6.55 -1.92 -11.49
N LYS A 37 -5.50 -2.72 -11.51
CA LYS A 37 -5.51 -4.02 -10.85
C LYS A 37 -5.45 -3.86 -9.33
N ILE A 38 -4.48 -3.07 -8.85
CA ILE A 38 -4.31 -2.86 -7.43
C ILE A 38 -3.17 -1.86 -7.17
N CYS A 39 -2.99 -1.50 -5.90
CA CYS A 39 -1.94 -0.56 -5.50
C CYS A 39 -0.56 -1.13 -5.80
N HIS A 40 0.38 -0.26 -6.16
CA HIS A 40 1.72 -0.69 -6.48
C HIS A 40 2.77 0.26 -5.91
N CYS A 41 3.64 -0.29 -5.08
CA CYS A 41 4.70 0.48 -4.44
C CYS A 41 5.81 0.81 -5.43
N ARG A 42 6.24 2.07 -5.42
CA ARG A 42 7.31 2.52 -6.29
C ARG A 42 7.69 3.95 -5.94
N ASP A 43 7.85 4.18 -4.64
CA ASP A 43 8.22 5.48 -4.12
C ASP A 43 8.83 5.30 -2.73
N LYS A 44 10.15 5.18 -2.71
CA LYS A 44 10.90 4.97 -1.47
C LYS A 44 10.72 6.12 -0.49
N PHE A 45 10.92 5.82 0.78
CA PHE A 45 10.80 6.82 1.85
C PHE A 45 11.78 7.96 1.63
N ALA A 1 0.95 11.78 -2.63
CA ALA A 1 0.76 11.22 -3.99
C ALA A 1 -0.51 11.79 -4.62
N THR A 2 -1.17 11.00 -5.46
CA THR A 2 -2.39 11.42 -6.14
C THR A 2 -3.37 10.26 -6.20
N CYS A 3 -3.47 9.55 -5.09
CA CYS A 3 -4.35 8.40 -4.97
C CYS A 3 -4.26 7.86 -3.54
N ASP A 4 -5.23 7.03 -3.16
CA ASP A 4 -5.23 6.43 -1.84
C ASP A 4 -4.20 5.31 -1.83
N LEU A 5 -3.19 5.44 -0.97
CA LEU A 5 -2.14 4.45 -0.87
C LEU A 5 -2.39 3.57 0.35
N ALA A 6 -3.44 3.91 1.08
CA ALA A 6 -3.84 3.19 2.28
C ALA A 6 -2.68 3.06 3.27
N SER A 7 -2.53 1.87 3.83
CA SER A 7 -1.47 1.59 4.79
C SER A 7 -1.10 0.11 4.73
N PHE A 8 -0.99 -0.55 5.88
CA PHE A 8 -0.65 -1.96 5.93
C PHE A 8 -1.85 -2.82 5.52
N SER A 9 -2.25 -2.69 4.26
CA SER A 9 -3.37 -3.43 3.73
C SER A 9 -3.08 -4.93 3.72
N SER A 10 -4.04 -5.72 4.14
CA SER A 10 -3.88 -7.16 4.17
C SER A 10 -5.25 -7.83 4.21
N GLN A 11 -5.32 -9.03 3.63
CA GLN A 11 -6.56 -9.79 3.58
C GLN A 11 -6.74 -10.56 4.88
N TRP A 12 -7.06 -11.84 4.79
CA TRP A 12 -7.25 -12.66 5.98
C TRP A 12 -6.31 -13.85 6.00
N VAL A 13 -5.74 -14.13 4.85
CA VAL A 13 -4.81 -15.25 4.71
C VAL A 13 -4.14 -15.22 3.34
N THR A 14 -2.87 -15.62 3.31
CA THR A 14 -2.07 -15.65 2.09
C THR A 14 -1.67 -14.24 1.63
N PRO A 15 -0.36 -13.98 1.59
CA PRO A 15 0.19 -12.70 1.17
C PRO A 15 0.26 -12.57 -0.34
N ASN A 16 -0.90 -12.58 -0.98
CA ASN A 16 -0.99 -12.49 -2.45
C ASN A 16 -0.20 -11.30 -2.97
N ASP A 17 -0.40 -10.15 -2.34
CA ASP A 17 0.27 -8.93 -2.72
C ASP A 17 0.09 -7.90 -1.62
N SER A 18 0.84 -6.82 -1.68
CA SER A 18 0.76 -5.75 -0.70
C SER A 18 -0.61 -5.09 -0.69
N LEU A 19 -1.32 -5.22 -1.81
CA LEU A 19 -2.66 -4.63 -1.99
C LEU A 19 -2.55 -3.11 -2.15
N CYS A 20 -1.65 -2.52 -1.39
CA CYS A 20 -1.38 -1.10 -1.43
C CYS A 20 0.04 -0.82 -0.94
N ALA A 21 0.42 -1.45 0.17
CA ALA A 21 1.77 -1.26 0.73
C ALA A 21 2.01 -2.14 1.95
N ALA A 22 1.55 -3.39 1.89
CA ALA A 22 1.74 -4.32 3.01
C ALA A 22 3.23 -4.53 3.32
N HIS A 23 3.91 -5.31 2.50
CA HIS A 23 5.33 -5.56 2.72
C HIS A 23 6.16 -4.37 2.26
N CYS A 24 5.59 -3.57 1.37
CA CYS A 24 6.27 -2.39 0.84
C CYS A 24 6.62 -1.39 1.94
N LEU A 25 5.66 -1.04 2.78
CA LEU A 25 5.91 -0.08 3.86
C LEU A 25 7.01 -0.58 4.79
N VAL A 26 7.01 -1.88 5.05
CA VAL A 26 8.02 -2.48 5.92
C VAL A 26 9.41 -2.29 5.34
N LYS A 27 9.57 -2.60 4.05
CA LYS A 27 10.85 -2.47 3.37
C LYS A 27 11.24 -0.99 3.21
N GLY A 28 10.29 -0.17 2.80
CA GLY A 28 10.55 1.24 2.62
C GLY A 28 9.94 1.79 1.35
N TYR A 29 8.74 1.33 1.02
CA TYR A 29 8.04 1.78 -0.16
C TYR A 29 6.67 2.29 0.25
N ARG A 30 6.38 3.54 -0.09
CA ARG A 30 5.09 4.14 0.29
C ARG A 30 3.98 3.72 -0.67
N GLY A 31 4.36 3.52 -1.91
CA GLY A 31 3.41 3.14 -2.93
C GLY A 31 4.07 3.24 -4.28
N GLY A 32 3.38 3.80 -5.25
CA GLY A 32 3.96 3.95 -6.57
C GLY A 32 2.96 4.42 -7.60
N TYR A 33 1.96 3.59 -7.86
CA TYR A 33 0.92 3.91 -8.83
C TYR A 33 -0.31 3.03 -8.66
N CYS A 34 -1.47 3.67 -8.65
CA CYS A 34 -2.73 2.97 -8.50
C CYS A 34 -3.25 2.44 -9.83
N LYS A 35 -3.82 1.24 -9.78
CA LYS A 35 -4.41 0.60 -10.94
C LYS A 35 -5.54 -0.28 -10.44
N ASN A 36 -6.73 -0.13 -11.01
CA ASN A 36 -7.89 -0.89 -10.55
C ASN A 36 -8.18 -0.50 -9.10
N LYS A 37 -8.32 -1.47 -8.22
CA LYS A 37 -8.53 -1.16 -6.82
C LYS A 37 -7.35 -1.69 -6.02
N ILE A 38 -6.19 -1.66 -6.65
CA ILE A 38 -4.96 -2.14 -6.03
C ILE A 38 -3.87 -1.09 -6.13
N CYS A 39 -3.33 -0.69 -5.00
CA CYS A 39 -2.26 0.28 -4.97
C CYS A 39 -0.94 -0.45 -5.24
N HIS A 40 -0.31 -0.15 -6.36
CA HIS A 40 0.93 -0.80 -6.71
C HIS A 40 2.09 0.03 -6.17
N CYS A 41 3.09 -0.64 -5.60
CA CYS A 41 4.24 0.04 -5.03
C CYS A 41 5.21 0.50 -6.13
N ARG A 42 6.52 0.33 -5.87
CA ARG A 42 7.60 0.71 -6.78
C ARG A 42 7.98 2.18 -6.56
N ASP A 43 8.04 2.59 -5.29
CA ASP A 43 8.41 3.93 -4.92
C ASP A 43 9.02 3.94 -3.52
N LYS A 44 10.35 3.99 -3.51
CA LYS A 44 11.12 3.99 -2.28
C LYS A 44 10.97 5.32 -1.55
N PHE A 45 10.89 5.27 -0.22
CA PHE A 45 10.77 6.47 0.58
C PHE A 45 11.91 7.42 0.29
#